data_2ORP
#
_entry.id   2ORP
#
_cell.length_a   63.230
_cell.length_b   73.750
_cell.length_c   93.560
_cell.angle_alpha   90.00
_cell.angle_beta   90.00
_cell.angle_gamma   90.00
#
_symmetry.space_group_name_H-M   'P 21 21 21'
#
loop_
_entity.id
_entity.type
_entity.pdbx_description
1 polymer 'nitric oxide synthase, inducible'
2 non-polymer 'PROTOPORPHYRIN IX CONTAINING FE'
3 non-polymer 2-{(2R)-4-[2-(1H-IMIDAZOL-1-YL)-6-METHYLPYRIMIDIN-4-YL]-1-ISOBUTYRYLPIPERAZIN-2-YL}-N-[2-(4-METHOXYPHENYL)ETHYL]ACETAMIDE
4 water water
#
_entity_poly.entity_id   1
_entity_poly.type   'polypeptide(L)'
_entity_poly.pdbx_seq_one_letter_code
;MNPKSLTRGPRDKPTPLEELLPHAIEFINQYYGSFKEAKIEEHLARLEAVTKEIETTGTYQLTLDELIFATKMAWRNAPR
CIGRIQWSNLQVFDARNCSTAQEMFQHICRHILYATNNGNIRSAITVFPQRSDGKHDFRLWNSQLIRYAGYQMPDGTIRG
DAATLEFTQLCIDLGWKPRYGRFDVLPLVLQADGQDPEVFEIPPDLVLEVTMEHPKYEWFQELGLKWYALPAVANMLLEV
GGLEFPACPFNGWYMGTEIGVRDFCDTQRYNILEEVGRRMGLETHTLASLWKDRAVTEINVAVLHSFQKQNVTIMDHHTA
SESFMKHMQNEYRARGGCPADWIWLVPPVSGSITPVFHQEMLNYVLSPFYYYQIEPWKTHIWQNEHHHH
;
_entity_poly.pdbx_strand_id   A
#
loop_
_chem_comp.id
_chem_comp.type
_chem_comp.name
_chem_comp.formula
HEM non-polymer 'PROTOPORPHYRIN IX CONTAINING FE' 'C34 H32 Fe N4 O4'
R86 non-polymer 2-{(2R)-4-[2-(1H-IMIDAZOL-1-YL)-6-METHYLPYRIMIDIN-4-YL]-1-ISOBUTYRYLPIPERAZIN-2-YL}-N-[2-(4-METHOXYPHENYL)ETHYL]ACETAMIDE 'C27 H35 N7 O3'
#
# COMPACT_ATOMS: atom_id res chain seq x y z
N MET A 1 -17.46 24.36 6.48
CA MET A 1 -17.19 23.03 5.96
C MET A 1 -16.75 22.08 7.06
N ASN A 2 -16.90 20.77 6.81
CA ASN A 2 -16.58 19.76 7.82
C ASN A 2 -15.81 18.58 7.22
N PRO A 3 -14.72 18.86 6.50
CA PRO A 3 -13.91 17.76 5.95
C PRO A 3 -13.39 16.87 7.08
N LYS A 4 -13.07 15.64 6.75
CA LYS A 4 -12.43 14.75 7.71
C LYS A 4 -10.92 14.80 7.49
N SER A 5 -10.15 14.38 8.49
CA SER A 5 -8.72 14.22 8.31
C SER A 5 -8.46 13.03 7.39
N LEU A 6 -7.55 13.20 6.44
CA LEU A 6 -7.11 12.10 5.58
C LEU A 6 -5.95 11.32 6.21
N THR A 7 -5.60 11.69 7.44
CA THR A 7 -4.53 11.02 8.17
C THR A 7 -5.07 10.22 9.36
N ARG A 8 -4.57 8.99 9.51
CA ARG A 8 -4.93 8.12 10.63
C ARG A 8 -3.67 7.78 11.43
N GLY A 9 -3.61 8.23 12.68
CA GLY A 9 -2.38 8.15 13.45
C GLY A 9 -2.17 6.86 14.21
N PRO A 10 -1.06 6.75 14.96
CA PRO A 10 -0.77 5.56 15.77
C PRO A 10 -1.65 5.45 17.00
N ARG A 11 -1.70 4.26 17.58
CA ARG A 11 -2.41 4.02 18.82
C ARG A 11 -1.45 3.44 19.86
N ASP A 12 -1.83 3.51 21.12
CA ASP A 12 -1.03 2.95 22.20
C ASP A 12 -1.80 1.81 22.86
N LYS A 13 -3.08 1.72 22.55
CA LYS A 13 -3.94 0.70 23.13
C LYS A 13 -4.88 0.16 22.06
N PRO A 14 -5.35 -1.08 22.24
CA PRO A 14 -6.34 -1.65 21.33
C PRO A 14 -7.55 -0.73 21.21
N THR A 15 -8.19 -0.75 20.05
CA THR A 15 -9.41 0.03 19.86
C THR A 15 -10.45 -0.44 20.87
N PRO A 16 -11.13 0.50 21.54
CA PRO A 16 -12.15 0.10 22.51
C PRO A 16 -13.28 -0.67 21.86
N LEU A 17 -13.72 -1.74 22.52
CA LEU A 17 -14.75 -2.61 21.97
C LEU A 17 -16.02 -1.81 21.68
N GLU A 18 -16.27 -0.80 22.51
CA GLU A 18 -17.45 0.04 22.35
C GLU A 18 -17.37 0.85 21.06
N GLU A 19 -16.15 1.05 20.57
CA GLU A 19 -15.97 1.76 19.31
C GLU A 19 -15.85 0.77 18.16
N LEU A 20 -15.16 -0.35 18.41
CA LEU A 20 -14.91 -1.34 17.38
C LEU A 20 -16.19 -2.01 16.87
N LEU A 21 -17.06 -2.41 17.79
CA LEU A 21 -18.21 -3.23 17.43
C LEU A 21 -19.15 -2.57 16.42
N PRO A 22 -19.55 -1.31 16.64
CA PRO A 22 -20.45 -0.64 15.71
C PRO A 22 -19.86 -0.52 14.30
N HIS A 23 -18.56 -0.29 14.20
CA HIS A 23 -17.86 -0.18 12.92
C HIS A 23 -17.80 -1.54 12.22
N ALA A 24 -17.59 -2.60 12.99
CA ALA A 24 -17.55 -3.95 12.43
C ALA A 24 -18.92 -4.32 11.88
N ILE A 25 -19.95 -4.09 12.70
CA ILE A 25 -21.33 -4.35 12.29
C ILE A 25 -21.68 -3.62 11.01
N GLU A 26 -21.27 -2.37 10.90
CA GLU A 26 -21.58 -1.59 9.72
C GLU A 26 -20.85 -2.12 8.49
N PHE A 27 -19.60 -2.57 8.66
CA PHE A 27 -18.88 -3.14 7.53
C PHE A 27 -19.49 -4.47 7.10
N ILE A 28 -19.79 -5.31 8.07
CA ILE A 28 -20.44 -6.59 7.77
C ILE A 28 -21.73 -6.34 6.98
N ASN A 29 -22.44 -5.26 7.31
CA ASN A 29 -23.67 -4.92 6.57
C ASN A 29 -23.35 -4.52 5.13
N GLN A 30 -22.30 -3.73 4.94
CA GLN A 30 -21.89 -3.31 3.60
C GLN A 30 -21.54 -4.52 2.74
N TYR A 31 -20.77 -5.44 3.32
CA TYR A 31 -20.34 -6.63 2.60
C TYR A 31 -21.53 -7.49 2.17
N TYR A 32 -22.41 -7.83 3.10
CA TYR A 32 -23.54 -8.69 2.75
C TYR A 32 -24.58 -7.95 1.91
N GLY A 33 -24.56 -6.63 1.99
CA GLY A 33 -25.42 -5.82 1.14
C GLY A 33 -24.98 -5.87 -0.32
N SER A 34 -23.76 -6.32 -0.58
CA SER A 34 -23.27 -6.43 -1.95
C SER A 34 -23.90 -7.64 -2.62
N PHE A 35 -24.70 -8.39 -1.84
CA PHE A 35 -25.47 -9.51 -2.38
C PHE A 35 -26.95 -9.13 -2.44
N LYS A 36 -27.29 -8.03 -1.75
CA LYS A 36 -28.62 -7.42 -1.83
C LYS A 36 -29.73 -8.24 -1.17
N GLU A 37 -30.26 -9.23 -1.89
CA GLU A 37 -31.43 -9.97 -1.43
C GLU A 37 -31.09 -11.36 -0.91
N ALA A 38 -29.86 -11.81 -1.15
CA ALA A 38 -29.44 -13.15 -0.75
C ALA A 38 -28.70 -13.12 0.58
N LYS A 39 -28.65 -14.28 1.24
CA LYS A 39 -27.76 -14.48 2.38
C LYS A 39 -28.16 -13.76 3.67
N ILE A 40 -29.47 -13.56 3.88
CA ILE A 40 -29.92 -12.92 5.11
C ILE A 40 -29.44 -13.71 6.33
N GLU A 41 -29.57 -15.04 6.26
CA GLU A 41 -29.22 -15.90 7.37
C GLU A 41 -27.71 -15.97 7.58
N GLU A 42 -26.97 -15.87 6.49
CA GLU A 42 -25.51 -15.90 6.56
C GLU A 42 -25.02 -14.58 7.14
N HIS A 43 -25.66 -13.49 6.73
CA HIS A 43 -25.36 -12.16 7.26
C HIS A 43 -25.47 -12.18 8.78
N LEU A 44 -26.61 -12.67 9.28
CA LEU A 44 -26.87 -12.67 10.71
C LEU A 44 -25.87 -13.54 11.46
N ALA A 45 -25.56 -14.71 10.89
CA ALA A 45 -24.61 -15.62 11.51
C ALA A 45 -23.20 -15.00 11.63
N ARG A 46 -22.78 -14.28 10.59
CA ARG A 46 -21.48 -13.62 10.63
C ARG A 46 -21.47 -12.50 11.68
N LEU A 47 -22.59 -11.80 11.81
CA LEU A 47 -22.71 -10.76 12.83
C LEU A 47 -22.51 -11.34 14.22
N GLU A 48 -23.11 -12.51 14.48
CA GLU A 48 -22.98 -13.15 15.78
C GLU A 48 -21.56 -13.65 16.01
N ALA A 49 -20.96 -14.24 14.98
CA ALA A 49 -19.60 -14.73 15.10
C ALA A 49 -18.62 -13.59 15.38
N VAL A 50 -18.75 -12.51 14.61
CA VAL A 50 -17.86 -11.36 14.76
C VAL A 50 -18.00 -10.73 16.16
N THR A 51 -19.23 -10.64 16.63
CA THR A 51 -19.48 -9.98 17.91
C THR A 51 -18.89 -10.77 19.07
N LYS A 52 -19.02 -12.09 19.03
CA LYS A 52 -18.48 -12.92 20.10
C LYS A 52 -16.97 -12.99 20.03
N GLU A 53 -16.42 -12.90 18.82
CA GLU A 53 -14.96 -12.88 18.67
C GLU A 53 -14.38 -11.60 19.27
N ILE A 54 -15.02 -10.47 19.02
CA ILE A 54 -14.60 -9.19 19.58
C ILE A 54 -14.72 -9.17 21.09
N GLU A 55 -15.80 -9.74 21.61
CA GLU A 55 -16.04 -9.76 23.04
C GLU A 55 -15.02 -10.65 23.75
N THR A 56 -14.60 -11.72 23.08
CA THR A 56 -13.69 -12.67 23.71
C THR A 56 -12.22 -12.34 23.50
N THR A 57 -11.88 -11.78 22.34
CA THR A 57 -10.48 -11.56 21.98
C THR A 57 -10.10 -10.09 21.92
N GLY A 58 -11.11 -9.22 21.94
CA GLY A 58 -10.85 -7.80 21.83
C GLY A 58 -10.77 -7.28 20.40
N THR A 59 -10.81 -8.19 19.42
CA THR A 59 -10.75 -7.80 18.01
C THR A 59 -11.40 -8.91 17.17
N TYR A 60 -11.32 -8.80 15.85
CA TYR A 60 -11.80 -9.88 14.98
C TYR A 60 -10.99 -10.00 13.70
N GLN A 61 -11.12 -11.14 13.02
CA GLN A 61 -10.45 -11.35 11.74
C GLN A 61 -11.46 -11.32 10.60
N LEU A 62 -11.08 -10.68 9.50
CA LEU A 62 -11.91 -10.68 8.31
C LEU A 62 -11.69 -12.01 7.61
N THR A 63 -12.72 -12.50 6.90
CA THR A 63 -12.50 -13.61 5.98
C THR A 63 -11.70 -13.07 4.80
N LEU A 64 -11.13 -13.97 4.00
CA LEU A 64 -10.38 -13.57 2.82
C LEU A 64 -11.27 -12.80 1.84
N ASP A 65 -12.51 -13.28 1.68
CA ASP A 65 -13.45 -12.63 0.76
C ASP A 65 -13.82 -11.24 1.27
N GLU A 66 -13.92 -11.08 2.59
CA GLU A 66 -14.20 -9.78 3.17
C GLU A 66 -13.02 -8.84 2.96
N LEU A 67 -11.80 -9.36 3.14
CA LEU A 67 -10.60 -8.55 2.92
C LEU A 67 -10.51 -8.08 1.49
N ILE A 68 -10.77 -8.98 0.55
CA ILE A 68 -10.69 -8.64 -0.86
C ILE A 68 -11.69 -7.55 -1.19
N PHE A 69 -12.93 -7.75 -0.74
CA PHE A 69 -13.98 -6.74 -0.91
C PHE A 69 -13.54 -5.40 -0.31
N ALA A 70 -12.91 -5.43 0.86
CA ALA A 70 -12.50 -4.21 1.54
C ALA A 70 -11.45 -3.42 0.76
N THR A 71 -10.46 -4.12 0.23
CA THR A 71 -9.38 -3.46 -0.51
C THR A 71 -9.93 -2.79 -1.77
N LYS A 72 -10.90 -3.46 -2.40
CA LYS A 72 -11.51 -2.91 -3.61
C LYS A 72 -12.45 -1.75 -3.32
N MET A 73 -13.19 -1.82 -2.22
CA MET A 73 -14.09 -0.71 -1.87
C MET A 73 -13.30 0.51 -1.40
N ALA A 74 -12.21 0.28 -0.68
CA ALA A 74 -11.34 1.40 -0.29
C ALA A 74 -10.77 2.07 -1.54
N TRP A 75 -10.44 1.26 -2.55
CA TRP A 75 -9.92 1.80 -3.80
C TRP A 75 -11.02 2.63 -4.47
N ARG A 76 -12.20 2.06 -4.56
CA ARG A 76 -13.35 2.77 -5.11
C ARG A 76 -13.56 4.10 -4.37
N ASN A 77 -13.24 4.12 -3.08
CA ASN A 77 -13.45 5.31 -2.25
C ASN A 77 -12.30 6.33 -2.27
N ALA A 78 -11.25 6.05 -3.03
CA ALA A 78 -10.13 6.97 -3.14
C ALA A 78 -10.47 8.14 -4.06
N PRO A 79 -10.65 9.34 -3.49
CA PRO A 79 -11.21 10.48 -4.21
C PRO A 79 -10.44 10.85 -5.48
N ARG A 80 -9.12 10.88 -5.40
CA ARG A 80 -8.31 11.38 -6.52
C ARG A 80 -7.77 10.30 -7.46
N CYS A 81 -8.01 9.03 -7.15
CA CYS A 81 -7.44 7.97 -7.98
C CYS A 81 -8.21 7.78 -9.28
N ILE A 82 -7.55 8.08 -10.39
CA ILE A 82 -8.15 7.90 -11.71
C ILE A 82 -8.35 6.42 -12.03
N GLY A 83 -7.52 5.57 -11.43
CA GLY A 83 -7.62 4.15 -11.70
C GLY A 83 -8.85 3.49 -11.11
N ARG A 84 -9.50 4.16 -10.17
CA ARG A 84 -10.57 3.55 -9.40
C ARG A 84 -11.79 3.18 -10.25
N ILE A 85 -11.82 3.63 -11.49
CA ILE A 85 -12.95 3.34 -12.37
C ILE A 85 -12.98 1.85 -12.72
N GLN A 86 -11.83 1.19 -12.65
CA GLN A 86 -11.78 -0.26 -12.89
C GLN A 86 -11.35 -1.03 -11.63
N TRP A 87 -11.99 -0.70 -10.51
CA TRP A 87 -11.60 -1.19 -9.18
C TRP A 87 -11.65 -2.70 -8.99
N SER A 88 -12.36 -3.41 -9.87
CA SER A 88 -12.44 -4.86 -9.74
C SER A 88 -11.17 -5.55 -10.22
N ASN A 89 -10.33 -4.83 -10.97
CA ASN A 89 -9.06 -5.40 -11.45
C ASN A 89 -7.97 -5.20 -10.39
N LEU A 90 -8.06 -5.92 -9.28
CA LEU A 90 -7.06 -5.83 -8.22
C LEU A 90 -6.71 -7.22 -7.68
N GLN A 91 -5.42 -7.55 -7.68
CA GLN A 91 -4.96 -8.80 -7.09
C GLN A 91 -4.56 -8.56 -5.64
N VAL A 92 -5.07 -9.39 -4.75
CA VAL A 92 -4.80 -9.25 -3.32
C VAL A 92 -3.85 -10.35 -2.87
N PHE A 93 -2.77 -9.96 -2.19
CA PHE A 93 -1.91 -10.93 -1.52
C PHE A 93 -2.10 -10.82 -0.02
N ASP A 94 -2.52 -11.94 0.59
CA ASP A 94 -2.83 -11.95 2.00
C ASP A 94 -1.57 -12.30 2.81
N ALA A 95 -0.98 -11.29 3.44
CA ALA A 95 0.21 -11.52 4.27
C ALA A 95 -0.09 -11.32 5.76
N ARG A 96 -1.33 -11.54 6.16
CA ARG A 96 -1.75 -11.24 7.52
C ARG A 96 -1.15 -12.18 8.56
N ASN A 97 -0.51 -13.25 8.10
CA ASN A 97 0.19 -14.16 9.00
C ASN A 97 1.70 -13.86 9.06
N CYS A 98 2.12 -12.77 8.42
CA CYS A 98 3.53 -12.38 8.41
C CYS A 98 4.02 -12.08 9.84
N SER A 99 5.25 -12.47 10.16
CA SER A 99 5.77 -12.22 11.51
C SER A 99 7.11 -11.48 11.58
N THR A 100 7.95 -11.62 10.57
CA THR A 100 9.26 -10.97 10.59
C THR A 100 9.50 -10.03 9.41
N ALA A 101 10.51 -9.18 9.53
CA ALA A 101 10.90 -8.27 8.47
C ALA A 101 11.42 -9.02 7.25
N GLN A 102 12.17 -10.08 7.47
CA GLN A 102 12.63 -10.92 6.37
C GLN A 102 11.45 -11.45 5.57
N GLU A 103 10.41 -11.88 6.29
CA GLU A 103 9.20 -12.37 5.64
C GLU A 103 8.49 -11.25 4.89
N MET A 104 8.45 -10.04 5.47
CA MET A 104 7.90 -8.88 4.77
C MET A 104 8.61 -8.67 3.45
N PHE A 105 9.94 -8.74 3.48
CA PHE A 105 10.76 -8.55 2.28
C PHE A 105 10.40 -9.55 1.17
N GLN A 106 10.19 -10.81 1.53
CA GLN A 106 9.82 -11.83 0.55
C GLN A 106 8.42 -11.58 -0.05
N HIS A 107 7.50 -11.12 0.78
CA HIS A 107 6.16 -10.78 0.30
C HIS A 107 6.24 -9.65 -0.71
N ILE A 108 7.07 -8.65 -0.41
CA ILE A 108 7.20 -7.49 -1.28
C ILE A 108 7.91 -7.85 -2.59
N CYS A 109 8.93 -8.70 -2.52
CA CYS A 109 9.54 -9.21 -3.74
C CYS A 109 8.52 -9.89 -4.65
N ARG A 110 7.65 -10.70 -4.05
CA ARG A 110 6.61 -11.39 -4.82
C ARG A 110 5.68 -10.37 -5.46
N HIS A 111 5.29 -9.36 -4.68
CA HIS A 111 4.38 -8.32 -5.15
C HIS A 111 5.00 -7.62 -6.36
N ILE A 112 6.24 -7.16 -6.21
CA ILE A 112 6.93 -6.44 -7.28
C ILE A 112 7.03 -7.30 -8.54
N LEU A 113 7.32 -8.58 -8.37
CA LEU A 113 7.44 -9.49 -9.51
C LEU A 113 6.10 -9.63 -10.23
N TYR A 114 5.05 -9.92 -9.48
CA TYR A 114 3.72 -10.12 -10.06
C TYR A 114 3.24 -8.85 -10.76
N ALA A 115 3.34 -7.72 -10.05
CA ALA A 115 2.80 -6.46 -10.56
C ALA A 115 3.57 -5.94 -11.77
N THR A 116 4.89 -6.13 -11.77
CA THR A 116 5.69 -5.65 -12.89
C THR A 116 5.42 -6.48 -14.14
N ASN A 117 5.43 -7.80 -13.99
CA ASN A 117 5.03 -8.70 -15.07
C ASN A 117 5.75 -8.33 -16.36
N ASN A 118 7.06 -8.10 -16.24
CA ASN A 118 7.89 -7.79 -17.40
C ASN A 118 7.33 -6.61 -18.21
N GLY A 119 6.60 -5.72 -17.54
CA GLY A 119 6.14 -4.52 -18.21
C GLY A 119 4.63 -4.47 -18.41
N ASN A 120 4.00 -5.65 -18.48
CA ASN A 120 2.55 -5.71 -18.62
C ASN A 120 1.92 -5.58 -17.23
N ILE A 121 1.87 -4.34 -16.73
CA ILE A 121 1.64 -4.07 -15.32
C ILE A 121 0.30 -4.60 -14.83
N ARG A 122 0.28 -5.23 -13.66
CA ARG A 122 -0.96 -5.63 -13.02
C ARG A 122 -1.10 -4.94 -11.66
N SER A 123 -2.31 -4.47 -11.33
CA SER A 123 -2.55 -3.86 -10.03
C SER A 123 -2.63 -4.92 -8.94
N ALA A 124 -2.01 -4.64 -7.81
CA ALA A 124 -1.99 -5.59 -6.71
C ALA A 124 -1.88 -4.86 -5.37
N ILE A 125 -2.33 -5.51 -4.31
CA ILE A 125 -2.11 -5.01 -2.96
C ILE A 125 -1.68 -6.16 -2.07
N THR A 126 -0.72 -5.91 -1.20
CA THR A 126 -0.32 -6.92 -0.22
C THR A 126 -0.68 -6.43 1.17
N VAL A 127 -1.45 -7.24 1.90
CA VAL A 127 -2.00 -6.81 3.19
C VAL A 127 -1.28 -7.55 4.33
N PHE A 128 -0.58 -6.78 5.16
CA PHE A 128 0.15 -7.33 6.29
C PHE A 128 -0.74 -7.32 7.54
N PRO A 129 -0.25 -7.85 8.68
CA PRO A 129 -1.13 -7.99 9.84
C PRO A 129 -1.74 -6.67 10.32
N GLN A 130 -2.99 -6.74 10.75
CA GLN A 130 -3.68 -5.56 11.25
C GLN A 130 -3.06 -5.11 12.58
N ARG A 131 -3.23 -3.83 12.87
CA ARG A 131 -2.83 -3.27 14.14
C ARG A 131 -3.56 -3.98 15.29
N SER A 132 -2.81 -4.31 16.34
CA SER A 132 -3.39 -4.88 17.55
C SER A 132 -3.50 -3.81 18.63
N ASP A 133 -2.43 -3.63 19.41
CA ASP A 133 -2.43 -2.61 20.45
C ASP A 133 -1.75 -1.33 19.99
N GLY A 134 -1.16 -1.37 18.80
CA GLY A 134 -0.52 -0.17 18.27
C GLY A 134 0.96 -0.14 18.61
N LYS A 135 1.42 -1.11 19.38
CA LYS A 135 2.83 -1.20 19.73
C LYS A 135 3.54 -2.26 18.89
N HIS A 136 2.78 -2.97 18.07
CA HIS A 136 3.33 -4.03 17.25
C HIS A 136 3.06 -3.82 15.76
N ASP A 137 3.02 -2.55 15.35
CA ASP A 137 2.69 -2.20 13.97
C ASP A 137 3.66 -2.79 12.97
N PHE A 138 3.14 -3.25 11.84
CA PHE A 138 3.94 -3.40 10.64
C PHE A 138 3.83 -2.10 9.84
N ARG A 139 4.96 -1.65 9.29
CA ARG A 139 5.01 -0.44 8.47
C ARG A 139 6.12 -0.60 7.44
N LEU A 140 5.88 -0.10 6.23
CA LEU A 140 6.96 0.21 5.31
C LEU A 140 7.30 1.67 5.49
N TRP A 141 8.57 1.97 5.76
CA TRP A 141 8.98 3.34 6.01
C TRP A 141 9.12 4.11 4.71
N ASN A 142 9.29 3.37 3.61
CA ASN A 142 9.30 3.96 2.28
C ASN A 142 7.96 4.63 1.96
N SER A 143 8.00 5.66 1.10
CA SER A 143 6.76 6.21 0.58
C SER A 143 6.28 5.40 -0.63
N GLN A 144 7.24 4.89 -1.41
CA GLN A 144 6.97 4.02 -2.57
C GLN A 144 7.83 2.76 -2.50
N LEU A 145 7.35 1.66 -3.10
CA LEU A 145 8.16 0.44 -3.12
C LEU A 145 9.42 0.72 -3.91
N ILE A 146 9.27 1.37 -5.06
CA ILE A 146 10.41 1.77 -5.89
C ILE A 146 10.49 3.30 -5.93
N ARG A 147 11.64 3.85 -5.57
CA ARG A 147 11.88 5.28 -5.70
C ARG A 147 13.37 5.56 -5.60
N TYR A 148 13.83 6.60 -6.28
CA TYR A 148 15.26 6.94 -6.30
C TYR A 148 15.68 7.76 -5.09
N ALA A 149 16.93 7.58 -4.67
CA ALA A 149 17.48 8.32 -3.54
C ALA A 149 17.68 9.79 -3.91
N GLY A 150 17.78 10.64 -2.90
CA GLY A 150 18.07 12.04 -3.14
C GLY A 150 19.21 12.53 -2.25
N TYR A 151 20.21 13.17 -2.86
CA TYR A 151 21.39 13.63 -2.14
C TYR A 151 21.54 15.15 -2.24
N GLN A 152 21.74 15.81 -1.11
CA GLN A 152 21.90 17.26 -1.10
C GLN A 152 23.30 17.66 -1.50
N MET A 153 23.38 18.61 -2.42
CA MET A 153 24.67 19.15 -2.85
C MET A 153 24.99 20.40 -2.05
N PRO A 154 26.28 20.78 -1.98
CA PRO A 154 26.75 21.91 -1.17
C PRO A 154 26.10 23.25 -1.51
N ASP A 155 25.50 23.34 -2.70
CA ASP A 155 24.90 24.59 -3.15
C ASP A 155 23.40 24.66 -2.83
N GLY A 156 22.87 23.59 -2.24
CA GLY A 156 21.46 23.57 -1.89
C GLY A 156 20.61 22.81 -2.90
N THR A 157 21.17 22.51 -4.07
CA THR A 157 20.46 21.74 -5.08
C THR A 157 20.57 20.24 -4.78
N ILE A 158 19.61 19.48 -5.27
CA ILE A 158 19.53 18.06 -4.97
C ILE A 158 19.97 17.19 -6.15
N ARG A 159 20.68 16.12 -5.84
CA ARG A 159 20.97 15.08 -6.83
C ARG A 159 20.07 13.87 -6.58
N GLY A 160 19.23 13.54 -7.56
CA GLY A 160 18.29 12.45 -7.40
C GLY A 160 16.87 12.95 -7.21
N ASP A 161 16.14 12.28 -6.32
CA ASP A 161 14.76 12.68 -6.02
C ASP A 161 14.76 13.65 -4.85
N ALA A 162 14.46 14.92 -5.15
CA ALA A 162 14.48 15.96 -4.12
C ALA A 162 13.52 15.63 -3.00
N ALA A 163 12.47 14.88 -3.32
CA ALA A 163 11.42 14.60 -2.36
C ALA A 163 11.82 13.55 -1.32
N THR A 164 12.94 12.87 -1.53
CA THR A 164 13.34 11.78 -0.65
C THR A 164 14.58 12.09 0.18
N LEU A 165 15.01 13.35 0.17
CA LEU A 165 16.25 13.74 0.84
C LEU A 165 16.29 13.24 2.28
N GLU A 166 15.20 13.42 3.00
CA GLU A 166 15.13 13.01 4.41
C GLU A 166 15.20 11.49 4.55
N PHE A 167 14.36 10.77 3.80
CA PHE A 167 14.35 9.31 3.87
C PHE A 167 15.69 8.71 3.46
N THR A 168 16.33 9.31 2.46
CA THR A 168 17.64 8.84 2.01
C THR A 168 18.70 8.95 3.11
N GLN A 169 18.65 10.05 3.85
CA GLN A 169 19.57 10.26 4.96
C GLN A 169 19.33 9.21 6.04
N LEU A 170 18.06 8.90 6.28
CA LEU A 170 17.68 7.90 7.26
C LEU A 170 18.27 6.54 6.88
N CYS A 171 18.21 6.20 5.60
CA CYS A 171 18.78 4.94 5.13
C CYS A 171 20.28 4.92 5.37
N ILE A 172 20.95 6.02 5.02
CA ILE A 172 22.37 6.16 5.29
C ILE A 172 22.62 6.00 6.79
N ASP A 173 21.82 6.69 7.60
CA ASP A 173 21.93 6.58 9.05
C ASP A 173 21.73 5.14 9.53
N LEU A 174 20.92 4.37 8.82
CA LEU A 174 20.64 2.99 9.19
C LEU A 174 21.70 2.05 8.66
N GLY A 175 22.69 2.62 7.96
CA GLY A 175 23.83 1.83 7.54
C GLY A 175 23.84 1.52 6.06
N TRP A 176 22.88 2.07 5.32
CA TRP A 176 22.82 1.84 3.89
C TRP A 176 23.96 2.55 3.17
N LYS A 177 24.71 1.80 2.38
CA LYS A 177 25.87 2.31 1.67
C LYS A 177 25.46 3.36 0.65
N PRO A 178 25.75 4.63 0.94
CA PRO A 178 25.37 5.73 0.05
C PRO A 178 26.16 5.78 -1.25
N ARG A 179 25.56 5.28 -2.32
CA ARG A 179 26.03 5.60 -3.66
C ARG A 179 25.64 7.05 -3.89
N TYR A 180 26.03 7.63 -5.02
CA TYR A 180 25.72 9.04 -5.26
C TYR A 180 25.31 9.31 -6.69
N GLY A 181 24.39 8.49 -7.19
CA GLY A 181 23.90 8.67 -8.55
C GLY A 181 22.59 9.41 -8.60
N ARG A 182 22.10 9.66 -9.82
CA ARG A 182 20.83 10.32 -10.02
C ARG A 182 19.69 9.31 -10.04
N PHE A 183 20.03 8.02 -10.13
CA PHE A 183 19.03 6.97 -10.27
C PHE A 183 19.31 5.77 -9.38
N ASP A 184 19.69 6.03 -8.12
CA ASP A 184 19.92 4.95 -7.17
C ASP A 184 18.59 4.54 -6.54
N VAL A 185 18.24 3.25 -6.66
CA VAL A 185 17.00 2.75 -6.09
C VAL A 185 17.16 2.58 -4.58
N LEU A 186 16.29 3.24 -3.81
CA LEU A 186 16.35 3.16 -2.36
C LEU A 186 16.06 1.73 -1.88
N PRO A 187 16.65 1.36 -0.73
CA PRO A 187 16.40 0.07 -0.06
C PRO A 187 15.00 0.09 0.53
N LEU A 188 14.44 -1.09 0.78
CA LEU A 188 13.22 -1.21 1.56
C LEU A 188 13.57 -1.08 3.04
N VAL A 189 12.86 -0.22 3.76
CA VAL A 189 13.02 -0.12 5.20
C VAL A 189 11.76 -0.66 5.88
N LEU A 190 11.90 -1.81 6.53
CA LEU A 190 10.74 -2.62 6.91
C LEU A 190 10.65 -2.82 8.42
N GLN A 191 9.51 -2.45 8.97
CA GLN A 191 9.24 -2.61 10.40
C GLN A 191 8.24 -3.73 10.62
N ALA A 192 8.62 -4.72 11.43
CA ALA A 192 7.75 -5.83 11.73
C ALA A 192 7.44 -5.86 13.21
N ASP A 193 6.17 -6.09 13.54
CA ASP A 193 5.75 -6.28 14.93
C ASP A 193 6.24 -5.16 15.83
N GLY A 194 6.38 -3.96 15.27
CA GLY A 194 6.73 -2.79 16.08
C GLY A 194 8.22 -2.61 16.34
N GLN A 195 9.04 -3.53 15.86
CA GLN A 195 10.48 -3.48 16.12
C GLN A 195 11.12 -2.37 15.28
N ASP A 196 12.38 -2.05 15.61
CA ASP A 196 13.16 -1.15 14.76
C ASP A 196 13.14 -1.71 13.36
N PRO A 197 13.10 -0.84 12.34
CA PRO A 197 13.08 -1.23 10.93
C PRO A 197 14.42 -1.86 10.50
N GLU A 198 14.35 -2.78 9.54
CA GLU A 198 15.57 -3.35 8.94
C GLU A 198 15.68 -2.92 7.48
N VAL A 199 16.91 -2.84 6.98
CA VAL A 199 17.13 -2.36 5.62
C VAL A 199 17.37 -3.54 4.65
N PHE A 200 16.64 -3.54 3.54
CA PHE A 200 16.78 -4.59 2.53
C PHE A 200 16.94 -3.99 1.14
N GLU A 201 18.06 -4.28 0.49
CA GLU A 201 18.23 -3.88 -0.89
C GLU A 201 17.22 -4.64 -1.74
N ILE A 202 16.60 -3.95 -2.69
CA ILE A 202 15.73 -4.61 -3.66
C ILE A 202 16.62 -5.24 -4.75
N PRO A 203 16.47 -6.57 -4.97
CA PRO A 203 17.21 -7.20 -6.07
C PRO A 203 17.02 -6.43 -7.39
N PRO A 204 18.13 -5.98 -7.99
CA PRO A 204 18.09 -5.08 -9.15
C PRO A 204 17.28 -5.65 -10.30
N ASP A 205 17.28 -6.96 -10.43
CA ASP A 205 16.56 -7.63 -11.51
C ASP A 205 15.05 -7.48 -11.31
N LEU A 206 14.62 -7.06 -10.13
CA LEU A 206 13.21 -6.86 -9.86
C LEU A 206 12.72 -5.47 -10.24
N VAL A 207 13.66 -4.57 -10.52
CA VAL A 207 13.31 -3.20 -10.86
C VAL A 207 13.35 -2.95 -12.37
N LEU A 208 12.17 -2.85 -12.98
CA LEU A 208 12.09 -2.55 -14.40
C LEU A 208 12.12 -1.04 -14.61
N GLU A 209 13.01 -0.60 -15.49
CA GLU A 209 13.15 0.82 -15.79
C GLU A 209 12.93 1.11 -17.27
N VAL A 210 12.35 2.27 -17.54
CA VAL A 210 12.15 2.73 -18.91
C VAL A 210 13.23 3.75 -19.24
N THR A 211 14.00 3.49 -20.30
CA THR A 211 15.03 4.42 -20.74
C THR A 211 14.42 5.45 -21.69
N MET A 212 14.56 6.73 -21.35
CA MET A 212 13.85 7.77 -22.07
C MET A 212 14.48 8.07 -23.42
N GLU A 213 13.64 8.55 -24.36
CA GLU A 213 14.07 8.70 -25.74
C GLU A 213 13.52 9.99 -26.35
N LEU A 223 20.37 10.84 -24.42
CA LEU A 223 19.58 11.77 -23.63
C LEU A 223 19.96 11.67 -22.14
N GLY A 224 19.89 10.47 -21.60
CA GLY A 224 20.38 10.24 -20.25
C GLY A 224 19.33 9.89 -19.20
N LEU A 225 18.06 10.20 -19.49
CA LEU A 225 17.00 10.07 -18.49
C LEU A 225 16.43 8.66 -18.43
N LYS A 226 15.79 8.35 -17.30
CA LYS A 226 15.03 7.10 -17.17
C LYS A 226 14.15 7.12 -15.91
N TRP A 227 13.32 6.10 -15.77
CA TRP A 227 12.40 6.02 -14.62
C TRP A 227 11.95 4.57 -14.40
N TYR A 228 11.43 4.28 -13.21
CA TYR A 228 10.92 2.95 -12.92
C TYR A 228 9.51 2.78 -13.47
N ALA A 229 9.21 1.56 -13.89
CA ALA A 229 7.93 1.26 -14.54
C ALA A 229 6.77 1.16 -13.54
N LEU A 230 7.07 0.78 -12.30
CA LEU A 230 6.04 0.41 -11.33
C LEU A 230 5.81 1.48 -10.29
N PRO A 231 4.63 2.13 -10.33
CA PRO A 231 4.22 3.08 -9.29
C PRO A 231 3.49 2.36 -8.16
N ALA A 232 4.15 2.22 -7.02
CA ALA A 232 3.60 1.49 -5.89
C ALA A 232 3.67 2.35 -4.64
N VAL A 233 2.51 2.60 -4.03
CA VAL A 233 2.44 3.38 -2.79
C VAL A 233 2.66 2.45 -1.61
N ALA A 234 3.64 2.77 -0.78
CA ALA A 234 4.07 1.88 0.29
C ALA A 234 3.56 2.25 1.69
N ASN A 235 3.02 3.45 1.85
CA ASN A 235 2.94 4.06 3.18
C ASN A 235 1.54 4.38 3.71
N MET A 236 0.49 3.86 3.08
CA MET A 236 -0.85 4.20 3.54
C MET A 236 -1.43 3.14 4.46
N LEU A 237 -2.55 3.46 5.10
CA LEU A 237 -3.16 2.56 6.06
C LEU A 237 -4.58 2.23 5.56
N LEU A 238 -4.90 0.94 5.50
CA LEU A 238 -6.24 0.51 5.10
C LEU A 238 -7.11 0.41 6.33
N GLU A 239 -8.24 1.11 6.31
CA GLU A 239 -9.21 1.02 7.39
C GLU A 239 -10.43 0.27 6.89
N VAL A 240 -10.93 -0.65 7.71
CA VAL A 240 -12.11 -1.43 7.35
C VAL A 240 -12.77 -2.00 8.61
N GLY A 241 -14.06 -1.71 8.76
CA GLY A 241 -14.79 -2.24 9.89
C GLY A 241 -14.15 -1.98 11.24
N GLY A 242 -13.51 -0.82 11.39
CA GLY A 242 -12.86 -0.48 12.65
C GLY A 242 -11.46 -1.06 12.78
N LEU A 243 -11.11 -1.96 11.88
CA LEU A 243 -9.77 -2.50 11.83
C LEU A 243 -8.84 -1.60 11.04
N GLU A 244 -7.55 -1.61 11.39
CA GLU A 244 -6.55 -0.80 10.73
C GLU A 244 -5.37 -1.67 10.29
N PHE A 245 -4.99 -1.52 9.01
CA PHE A 245 -3.82 -2.23 8.46
C PHE A 245 -2.77 -1.21 8.04
N PRO A 246 -1.78 -0.94 8.91
CA PRO A 246 -0.83 0.15 8.63
C PRO A 246 0.25 -0.22 7.61
N ALA A 247 0.28 -1.47 7.19
CA ALA A 247 1.16 -1.89 6.10
C ALA A 247 0.33 -2.59 5.04
N CYS A 248 0.16 -1.95 3.90
CA CYS A 248 -0.66 -2.50 2.82
C CYS A 248 -0.25 -1.91 1.48
N PRO A 249 1.01 -2.15 1.06
CA PRO A 249 1.46 -1.54 -0.18
C PRO A 249 0.61 -1.96 -1.38
N PHE A 250 0.37 -1.01 -2.28
CA PHE A 250 -0.38 -1.30 -3.49
C PHE A 250 0.25 -0.63 -4.71
N ASN A 251 -0.14 -1.07 -5.90
CA ASN A 251 0.35 -0.43 -7.11
C ASN A 251 -0.72 -0.39 -8.20
N GLY A 252 -0.55 0.56 -9.11
CA GLY A 252 -1.29 0.55 -10.36
C GLY A 252 -0.26 0.68 -11.47
N TRP A 253 -0.64 1.34 -12.56
CA TRP A 253 0.33 1.74 -13.57
C TRP A 253 0.29 3.26 -13.72
N TYR A 254 1.29 3.82 -14.39
CA TYR A 254 1.41 5.27 -14.50
C TYR A 254 0.34 5.91 -15.37
N MET A 255 0.03 7.16 -15.04
CA MET A 255 -0.83 8.00 -15.87
C MET A 255 -0.01 8.49 -17.07
N GLY A 256 1.25 8.85 -16.82
CA GLY A 256 2.14 9.22 -17.89
C GLY A 256 2.23 10.71 -18.13
N THR A 257 1.23 11.45 -17.66
CA THR A 257 1.17 12.89 -17.86
C THR A 257 2.33 13.60 -17.16
N GLU A 258 2.87 12.97 -16.11
CA GLU A 258 4.09 13.45 -15.46
C GLU A 258 4.58 12.43 -14.44
N ILE A 259 5.67 11.74 -14.77
CA ILE A 259 6.20 10.71 -13.88
C ILE A 259 7.30 11.27 -12.97
N GLY A 260 8.02 12.27 -13.46
CA GLY A 260 9.00 12.95 -12.63
C GLY A 260 10.39 13.00 -13.22
N VAL A 261 10.60 12.28 -14.32
CA VAL A 261 11.91 12.25 -14.98
C VAL A 261 12.09 13.45 -15.91
N VAL A 303 8.63 10.09 -23.19
CA VAL A 303 8.15 9.33 -22.05
C VAL A 303 6.96 8.47 -22.43
N LEU A 304 5.92 9.12 -22.95
CA LEU A 304 4.73 8.40 -23.40
C LEU A 304 5.12 7.50 -24.56
N HIS A 305 6.11 7.92 -25.33
CA HIS A 305 6.63 7.12 -26.42
C HIS A 305 7.52 6.01 -25.88
N SER A 306 8.33 6.34 -24.88
CA SER A 306 9.30 5.40 -24.34
C SER A 306 8.64 4.24 -23.59
N PHE A 307 7.59 4.55 -22.85
CA PHE A 307 6.82 3.52 -22.15
C PHE A 307 6.13 2.60 -23.14
N GLN A 308 5.50 3.18 -24.15
CA GLN A 308 4.80 2.41 -25.17
C GLN A 308 5.80 1.59 -25.99
N LYS A 309 6.97 2.16 -26.24
CA LYS A 309 7.99 1.50 -27.05
C LYS A 309 8.55 0.26 -26.37
N GLN A 310 8.74 0.33 -25.06
CA GLN A 310 9.29 -0.78 -24.31
C GLN A 310 8.19 -1.65 -23.70
N ASN A 311 6.96 -1.43 -24.16
CA ASN A 311 5.83 -2.28 -23.78
C ASN A 311 5.61 -2.25 -22.27
N VAL A 312 5.68 -1.05 -21.70
CA VAL A 312 5.32 -0.84 -20.30
C VAL A 312 4.00 -0.11 -20.21
N THR A 313 3.04 -0.72 -19.51
CA THR A 313 1.68 -0.20 -19.45
C THR A 313 1.62 1.22 -18.89
N ILE A 314 0.88 2.07 -19.58
CA ILE A 314 0.48 3.37 -19.05
C ILE A 314 -1.00 3.58 -19.32
N MET A 315 -1.62 4.54 -18.62
CA MET A 315 -3.04 4.81 -18.80
C MET A 315 -3.26 5.72 -20.00
N ASP A 316 -2.97 5.19 -21.19
CA ASP A 316 -3.36 5.85 -22.44
C ASP A 316 -4.78 5.41 -22.79
N HIS A 317 -5.29 5.87 -23.93
CA HIS A 317 -6.68 5.60 -24.28
C HIS A 317 -6.95 4.11 -24.48
N HIS A 318 -6.03 3.42 -25.14
CA HIS A 318 -6.17 1.98 -25.33
C HIS A 318 -6.29 1.26 -23.99
N THR A 319 -5.37 1.56 -23.08
CA THR A 319 -5.34 0.92 -21.78
C THR A 319 -6.56 1.29 -20.94
N ALA A 320 -6.94 2.55 -20.97
CA ALA A 320 -8.16 2.99 -20.31
C ALA A 320 -9.36 2.15 -20.77
N SER A 321 -9.48 1.97 -22.08
CA SER A 321 -10.62 1.25 -22.64
C SER A 321 -10.59 -0.24 -22.30
N GLU A 322 -9.42 -0.85 -22.47
CA GLU A 322 -9.27 -2.29 -22.21
C GLU A 322 -9.45 -2.64 -20.73
N SER A 323 -8.91 -1.82 -19.84
CA SER A 323 -9.02 -2.10 -18.42
C SER A 323 -10.45 -1.90 -17.95
N PHE A 324 -11.11 -0.87 -18.47
CA PHE A 324 -12.53 -0.68 -18.16
C PHE A 324 -13.35 -1.84 -18.72
N MET A 325 -12.98 -2.30 -19.91
CA MET A 325 -13.68 -3.42 -20.54
C MET A 325 -13.52 -4.66 -19.64
N LYS A 326 -12.28 -4.95 -19.24
CA LYS A 326 -12.04 -6.06 -18.32
C LYS A 326 -12.81 -5.87 -17.01
N HIS A 327 -12.85 -4.64 -16.51
CA HIS A 327 -13.62 -4.35 -15.30
C HIS A 327 -15.08 -4.71 -15.49
N MET A 328 -15.65 -4.26 -16.61
CA MET A 328 -17.07 -4.45 -16.88
C MET A 328 -17.41 -5.93 -17.04
N GLN A 329 -16.46 -6.71 -17.56
CA GLN A 329 -16.67 -8.14 -17.71
C GLN A 329 -16.75 -8.84 -16.36
N ASN A 330 -16.03 -8.30 -15.37
CA ASN A 330 -16.08 -8.83 -14.01
C ASN A 330 -17.49 -8.77 -13.43
N GLU A 331 -18.34 -7.94 -14.03
CA GLU A 331 -19.78 -7.99 -13.76
C GLU A 331 -20.36 -9.18 -14.53
N TYR A 332 -20.19 -10.37 -13.98
CA TYR A 332 -20.60 -11.60 -14.64
C TYR A 332 -22.07 -11.90 -14.37
N VAL A 365 -17.93 10.02 6.86
CA VAL A 365 -16.71 9.22 6.88
C VAL A 365 -16.85 8.03 5.92
N LEU A 366 -16.05 8.02 4.87
CA LEU A 366 -16.01 6.88 3.95
C LEU A 366 -15.27 5.72 4.60
N SER A 367 -15.80 4.52 4.43
CA SER A 367 -15.16 3.31 4.93
C SER A 367 -15.68 2.13 4.10
N PRO A 368 -14.78 1.22 3.70
CA PRO A 368 -13.32 1.19 3.90
C PRO A 368 -12.62 2.34 3.18
N PHE A 369 -11.36 2.59 3.54
CA PHE A 369 -10.67 3.79 3.08
C PHE A 369 -9.16 3.67 3.28
N TYR A 370 -8.39 4.23 2.35
CA TYR A 370 -6.95 4.34 2.51
C TYR A 370 -6.58 5.69 3.10
N TYR A 371 -5.97 5.66 4.28
CA TYR A 371 -5.54 6.87 4.97
C TYR A 371 -4.04 7.09 4.81
N TYR A 372 -3.62 8.35 4.92
CA TYR A 372 -2.21 8.66 5.05
C TYR A 372 -1.81 8.44 6.51
N GLN A 373 -0.51 8.37 6.77
CA GLN A 373 -0.02 8.18 8.13
C GLN A 373 1.07 9.20 8.39
N ILE A 374 1.48 9.32 9.64
CA ILE A 374 2.63 10.15 9.99
C ILE A 374 3.91 9.36 9.67
N GLU A 375 4.86 10.03 9.03
CA GLU A 375 6.14 9.39 8.72
C GLU A 375 6.67 8.69 9.96
N PRO A 376 6.95 7.38 9.86
CA PRO A 376 7.19 6.56 11.04
C PRO A 376 8.46 6.92 11.82
N TRP A 377 9.44 7.52 11.14
CA TRP A 377 10.65 7.92 11.84
C TRP A 377 10.40 9.12 12.76
N LYS A 378 9.26 9.77 12.59
CA LYS A 378 8.88 10.87 13.49
C LYS A 378 8.19 10.38 14.75
N THR A 379 7.71 9.14 14.74
CA THR A 379 6.92 8.62 15.86
C THR A 379 7.52 7.40 16.52
N HIS A 380 8.51 6.79 15.87
CA HIS A 380 9.04 5.52 16.35
C HIS A 380 9.92 5.70 17.58
N ILE A 381 9.73 4.83 18.57
CA ILE A 381 10.58 4.79 19.75
C ILE A 381 11.63 3.70 19.59
N TRP A 382 12.88 4.10 19.41
CA TRP A 382 13.94 3.18 19.06
C TRP A 382 14.32 2.27 20.21
N GLN A 383 14.34 0.97 19.94
CA GLN A 383 14.64 -0.02 20.97
C GLN A 383 16.14 -0.27 21.05
N ASN A 384 16.82 -0.18 19.91
CA ASN A 384 18.24 -0.51 19.85
C ASN A 384 19.08 0.74 19.65
N GLU A 385 18.77 1.50 18.61
CA GLU A 385 19.45 2.77 18.37
C GLU A 385 20.96 2.61 18.41
N HIS A 386 21.50 1.87 17.44
CA HIS A 386 22.94 1.65 17.37
C HIS A 386 23.54 2.41 16.19
CHA HEM B . -4.13 8.31 -6.31
CHB HEM B . -3.75 6.53 -10.84
CHC HEM B . -4.32 2.03 -9.11
CHD HEM B . -5.21 3.85 -4.69
C1A HEM B . -3.97 8.21 -7.71
C2A HEM B . -3.71 9.31 -8.61
C3A HEM B . -3.62 8.83 -9.85
C4A HEM B . -3.82 7.39 -9.76
CMA HEM B . -3.41 9.64 -11.12
CAA HEM B . -3.85 10.78 -8.26
CBA HEM B . -2.68 11.54 -7.68
CGA HEM B . -3.08 12.95 -7.24
O1A HEM B . -3.57 13.72 -8.09
O2A HEM B . -2.93 13.26 -6.04
C1B HEM B . -3.94 5.16 -10.75
C2B HEM B . -3.91 4.30 -11.89
C3B HEM B . -4.04 3.02 -11.46
C4B HEM B . -4.21 3.11 -9.99
CMB HEM B . -3.85 4.78 -13.35
CAB HEM B . -3.84 1.91 -12.27
CBB HEM B . -4.45 0.61 -12.20
C1C HEM B . -4.54 2.15 -7.74
C2C HEM B . -4.74 1.03 -6.85
C3C HEM B . -5.07 1.53 -5.63
C4C HEM B . -5.05 2.97 -5.77
CMC HEM B . -4.59 -0.44 -7.30
CAC HEM B . -5.27 0.86 -4.42
CBC HEM B . -5.89 -0.45 -4.26
C1D HEM B . -4.96 5.22 -4.77
C2D HEM B . -5.03 6.10 -3.62
C3D HEM B . -4.68 7.35 -4.05
C4D HEM B . -4.42 7.23 -5.47
CMD HEM B . -5.47 5.67 -2.22
CAD HEM B . -4.70 8.65 -3.25
CBD HEM B . -6.16 9.13 -3.24
CGD HEM B . -6.35 10.49 -2.58
O1D HEM B . -5.49 10.89 -1.77
O2D HEM B . -7.36 11.15 -2.88
NA HEM B . -4.03 6.99 -8.43
NB HEM B . -4.18 4.44 -9.58
NC HEM B . -4.70 3.35 -7.06
ND HEM B . -4.58 5.91 -5.92
FE HEM B . -4.37 5.16 -7.75
C48 R86 C . 0.42 6.17 -11.40
O47 R86 C . -0.27 7.39 -11.06
C44 R86 C . 0.61 8.41 -10.85
C45 R86 C . 1.14 8.62 -9.56
C46 R86 C . 2.01 9.69 -9.32
C43 R86 C . 0.95 9.28 -11.90
C42 R86 C . 1.82 10.36 -11.64
C41 R86 C . 2.34 10.58 -10.36
C38 R86 C . 3.23 11.79 -10.08
C37 R86 C . 2.56 12.80 -9.15
N35 R86 C . 3.04 12.66 -7.76
C33 R86 C . 2.24 12.76 -6.70
O34 R86 C . 1.04 13.01 -6.76
C32 R86 C . 2.96 12.61 -5.34
C25 R86 C . 2.30 11.68 -4.27
C26 R86 C . 2.61 10.19 -4.53
N24 R86 C . 0.84 11.96 -4.08
C27 R86 C . 0.45 12.94 -3.23
O28 R86 C . 1.32 13.60 -2.63
C29 R86 C . -1.04 13.26 -3.01
C31 R86 C . -1.36 14.64 -3.60
C30 R86 C . -1.36 13.22 -1.52
C23 R86 C . -0.19 11.16 -4.82
C22 R86 C . 0.08 9.68 -4.59
N21 R86 C . 1.46 9.37 -5.01
C13 R86 C . 1.70 8.23 -5.84
N12 R86 C . 0.65 7.43 -6.19
C14 R86 C . 3.00 7.85 -6.21
C15 R86 C . 3.17 6.66 -6.92
C17 R86 C . 4.57 6.23 -7.36
N16 R86 C . 2.10 5.90 -7.23
C11 R86 C . 0.86 6.29 -6.88
N3 R86 C . -0.19 5.54 -7.22
C4 R86 C . -0.16 4.35 -7.83
C5 R86 C . -1.40 3.91 -7.95
NFE R86 C . -2.21 4.84 -7.42
C2 R86 C . -1.46 5.82 -6.98
#